data_1G8P
#
_entry.id   1G8P
#
_cell.length_a   90.259
_cell.length_b   90.259
_cell.length_c   83.716
_cell.angle_alpha   90.00
_cell.angle_beta   90.00
_cell.angle_gamma   120.00
#
_symmetry.space_group_name_H-M   'P 65'
#
loop_
_entity.id
_entity.type
_entity.pdbx_description
1 polymer 'MAGNESIUM-CHELATASE 38 KDA SUBUNIT'
2 water water
#
_entity_poly.entity_id   1
_entity_poly.type   'polypeptide(L)'
_entity_poly.pdbx_seq_one_letter_code
;MTTAVARLQPSASGAKTRPVFPFSAIVGQEDMKLALLLTAVDPGIGGVLVFGDRGTGKSTAVRALAALLPEIEAVEGCPV
SSPNVEMIPDWATVLSTNVIRKPTPVVDLPLGVSEDRVVGALDIERAISKGEKAFEPGLLARANRGYLYIDECNLLEDHI
VDLLLDVAQSGENVVERDGLSIRHPARFVLVGSGNPEEGDLRPQLLDRFGLSVEVLSPRDVETRVEVIRRRDTYDADPKA
FLEEWRPKDMDIRNQILEARERLPKVEAPNTALYDCAALCIALGSDGLRGELTLLRSARALAALEGATAVGRDHLKRVAT
MALSHRLRRDPLDEAGSTARVARTVEETLP
;
_entity_poly.pdbx_strand_id   A
#
# COMPACT_ATOMS: atom_id res chain seq x y z
N ARG A 18 9.53 -17.33 -8.66
CA ARG A 18 8.19 -17.62 -8.08
C ARG A 18 7.07 -16.85 -8.79
N PRO A 19 6.36 -17.51 -9.71
CA PRO A 19 5.26 -16.89 -10.47
C PRO A 19 4.12 -16.44 -9.56
N VAL A 20 3.47 -15.35 -9.92
CA VAL A 20 2.35 -14.83 -9.15
C VAL A 20 1.16 -14.56 -10.10
N PHE A 21 -0.05 -14.87 -9.66
CA PHE A 21 -1.21 -14.63 -10.50
C PHE A 21 -1.10 -13.17 -10.95
N PRO A 22 -1.14 -12.93 -12.27
CA PRO A 22 -1.01 -11.57 -12.81
C PRO A 22 -2.13 -10.56 -12.57
N PHE A 23 -1.70 -9.33 -12.29
CA PHE A 23 -2.56 -8.18 -12.01
C PHE A 23 -3.64 -7.95 -13.06
N SER A 24 -3.21 -7.92 -14.32
CA SER A 24 -4.13 -7.67 -15.43
C SER A 24 -5.20 -8.75 -15.63
N ALA A 25 -4.96 -9.95 -15.11
CA ALA A 25 -5.93 -11.04 -15.26
C ALA A 25 -6.97 -11.09 -14.12
N ILE A 26 -6.79 -10.24 -13.12
CA ILE A 26 -7.73 -10.19 -12.00
C ILE A 26 -9.04 -9.60 -12.51
N VAL A 27 -10.16 -10.24 -12.19
CA VAL A 27 -11.48 -9.79 -12.63
C VAL A 27 -12.08 -8.71 -11.75
N GLY A 28 -12.57 -7.64 -12.36
CA GLY A 28 -13.16 -6.56 -11.61
C GLY A 28 -12.17 -5.87 -10.68
N GLN A 29 -12.61 -5.59 -9.45
CA GLN A 29 -11.78 -4.92 -8.45
C GLN A 29 -11.19 -3.61 -8.99
N GLU A 30 -11.97 -2.88 -9.79
CA GLU A 30 -11.51 -1.63 -10.37
C GLU A 30 -10.93 -0.63 -9.37
N ASP A 31 -11.67 -0.32 -8.32
CA ASP A 31 -11.21 0.63 -7.33
C ASP A 31 -9.98 0.15 -6.59
N MET A 32 -9.96 -1.14 -6.27
CA MET A 32 -8.80 -1.71 -5.59
C MET A 32 -7.59 -1.53 -6.49
N LYS A 33 -7.73 -1.84 -7.77
CA LYS A 33 -6.61 -1.71 -8.70
C LYS A 33 -6.14 -0.26 -8.83
N LEU A 34 -7.08 0.67 -8.95
CA LEU A 34 -6.71 2.07 -9.07
C LEU A 34 -5.96 2.54 -7.81
N ALA A 35 -6.47 2.17 -6.64
CA ALA A 35 -5.84 2.56 -5.37
C ALA A 35 -4.39 2.09 -5.33
N LEU A 36 -4.14 0.87 -5.78
CA LEU A 36 -2.79 0.32 -5.79
C LEU A 36 -1.94 1.05 -6.83
N LEU A 37 -2.54 1.43 -7.96
CA LEU A 37 -1.76 2.17 -8.96
C LEU A 37 -1.44 3.57 -8.45
N LEU A 38 -2.42 4.20 -7.80
CA LEU A 38 -2.23 5.54 -7.26
C LEU A 38 -1.12 5.61 -6.22
N THR A 39 -1.12 4.67 -5.28
CA THR A 39 -0.10 4.65 -4.24
C THR A 39 1.22 4.11 -4.76
N ALA A 40 1.20 3.45 -5.92
CA ALA A 40 2.43 2.96 -6.52
C ALA A 40 3.11 4.19 -7.13
N VAL A 41 2.28 5.12 -7.60
CA VAL A 41 2.78 6.37 -8.21
C VAL A 41 3.17 7.39 -7.12
N ASP A 42 2.33 7.53 -6.11
CA ASP A 42 2.61 8.46 -5.01
C ASP A 42 2.33 7.82 -3.66
N PRO A 43 3.33 7.15 -3.05
CA PRO A 43 3.06 6.54 -1.76
C PRO A 43 2.66 7.54 -0.66
N GLY A 44 2.90 8.83 -0.92
CA GLY A 44 2.55 9.86 0.04
C GLY A 44 1.05 10.00 0.23
N ILE A 45 0.27 9.34 -0.62
CA ILE A 45 -1.17 9.40 -0.51
C ILE A 45 -1.58 8.74 0.81
N GLY A 46 -0.81 7.74 1.23
CA GLY A 46 -1.10 7.07 2.48
C GLY A 46 -1.50 5.61 2.31
N GLY A 47 -1.90 4.97 3.39
CA GLY A 47 -2.31 3.57 3.34
C GLY A 47 -3.64 3.33 2.64
N VAL A 48 -3.84 2.10 2.20
CA VAL A 48 -5.07 1.72 1.52
C VAL A 48 -5.89 0.80 2.42
N LEU A 49 -7.16 1.13 2.60
CA LEU A 49 -8.07 0.35 3.43
C LEU A 49 -9.04 -0.37 2.52
N VAL A 50 -9.03 -1.70 2.60
CA VAL A 50 -9.89 -2.53 1.76
C VAL A 50 -11.05 -3.15 2.54
N PHE A 51 -12.28 -2.73 2.23
CA PHE A 51 -13.46 -3.26 2.89
C PHE A 51 -14.09 -4.35 2.03
N GLY A 52 -14.45 -5.46 2.65
CA GLY A 52 -15.08 -6.54 1.90
C GLY A 52 -15.28 -7.81 2.70
N ASP A 53 -15.95 -8.78 2.09
CA ASP A 53 -16.18 -10.03 2.77
C ASP A 53 -15.00 -10.95 2.59
N ARG A 54 -15.01 -11.97 3.42
CA ARG A 54 -14.06 -13.06 3.48
C ARG A 54 -13.37 -13.52 2.17
N GLY A 55 -14.14 -14.08 1.25
CA GLY A 55 -13.54 -14.59 0.02
C GLY A 55 -13.16 -13.64 -1.10
N THR A 56 -13.01 -12.36 -0.82
CA THR A 56 -12.69 -11.43 -1.91
C THR A 56 -11.23 -11.52 -2.43
N GLY A 57 -10.40 -12.28 -1.71
CA GLY A 57 -8.99 -12.47 -1.96
C GLY A 57 -8.42 -11.09 -2.06
N LYS A 58 -8.45 -10.34 -0.97
CA LYS A 58 -7.95 -8.96 -1.01
C LYS A 58 -6.44 -8.71 -1.14
N SER A 59 -5.62 -9.74 -0.95
CA SER A 59 -4.17 -9.55 -1.07
C SER A 59 -3.65 -10.01 -2.43
N THR A 60 -4.53 -10.60 -3.22
CA THR A 60 -4.16 -11.08 -4.55
C THR A 60 -3.65 -9.91 -5.39
N ALA A 61 -4.43 -8.84 -5.43
CA ALA A 61 -4.09 -7.64 -6.19
C ALA A 61 -2.78 -7.00 -5.72
N VAL A 62 -2.57 -7.02 -4.40
CA VAL A 62 -1.34 -6.44 -3.84
C VAL A 62 -0.11 -7.24 -4.30
N ARG A 63 -0.17 -8.56 -4.16
CA ARG A 63 0.94 -9.41 -4.58
C ARG A 63 1.17 -9.33 -6.09
N ALA A 64 0.09 -9.18 -6.84
CA ALA A 64 0.19 -9.08 -8.30
C ALA A 64 0.89 -7.77 -8.65
N LEU A 65 0.52 -6.68 -7.98
CA LEU A 65 1.14 -5.40 -8.27
C LEU A 65 2.63 -5.49 -7.95
N ALA A 66 2.94 -6.03 -6.77
CA ALA A 66 4.34 -6.14 -6.35
C ALA A 66 5.15 -6.96 -7.35
N ALA A 67 4.49 -7.96 -7.94
CA ALA A 67 5.14 -8.83 -8.92
C ALA A 67 5.32 -8.22 -10.28
N LEU A 68 4.54 -7.21 -10.62
CA LEU A 68 4.71 -6.59 -11.94
C LEU A 68 5.68 -5.42 -11.87
N LEU A 69 6.02 -5.00 -10.66
CA LEU A 69 6.96 -3.91 -10.50
C LEU A 69 8.37 -4.45 -10.68
N PRO A 70 9.27 -3.61 -11.20
CA PRO A 70 10.67 -4.04 -11.41
C PRO A 70 11.24 -4.57 -10.11
N GLU A 71 12.12 -5.57 -10.18
CA GLU A 71 12.72 -6.10 -8.97
C GLU A 71 13.67 -5.03 -8.42
N ILE A 72 13.87 -5.03 -7.11
CA ILE A 72 14.73 -4.03 -6.47
C ILE A 72 16.14 -4.57 -6.23
N GLU A 73 17.11 -3.67 -6.24
CA GLU A 73 18.48 -4.08 -6.00
C GLU A 73 18.73 -3.93 -4.49
N ALA A 74 19.39 -4.92 -3.89
CA ALA A 74 19.64 -4.85 -2.46
C ALA A 74 20.77 -5.77 -2.06
N VAL A 75 21.41 -5.44 -0.94
CA VAL A 75 22.49 -6.26 -0.40
C VAL A 75 21.85 -7.57 0.02
N GLU A 76 22.35 -8.66 -0.55
CA GLU A 76 21.82 -10.00 -0.30
C GLU A 76 21.53 -10.36 1.16
N GLY A 77 22.49 -10.12 2.05
CA GLY A 77 22.25 -10.48 3.44
C GLY A 77 21.62 -9.41 4.32
N CYS A 78 21.24 -8.26 3.74
CA CYS A 78 20.67 -7.21 4.56
C CYS A 78 19.21 -7.41 4.98
N PRO A 79 18.95 -7.37 6.29
CA PRO A 79 17.59 -7.55 6.83
C PRO A 79 16.61 -6.44 6.44
N VAL A 80 17.12 -5.28 6.05
CA VAL A 80 16.24 -4.19 5.65
C VAL A 80 16.35 -3.86 4.17
N SER A 81 16.94 -4.77 3.40
CA SER A 81 17.10 -4.59 1.95
C SER A 81 17.84 -3.31 1.58
N SER A 82 18.94 -3.02 2.27
CA SER A 82 19.70 -1.82 1.94
C SER A 82 20.07 -1.85 0.46
N PRO A 83 19.93 -0.71 -0.23
CA PRO A 83 20.25 -0.58 -1.65
C PRO A 83 21.74 -0.86 -1.91
N ASN A 84 22.56 -0.62 -0.89
CA ASN A 84 23.99 -0.84 -0.99
C ASN A 84 24.63 -1.00 0.39
N VAL A 85 25.88 -1.47 0.42
CA VAL A 85 26.60 -1.68 1.66
C VAL A 85 26.66 -0.47 2.59
N GLU A 86 26.83 0.71 2.01
CA GLU A 86 26.91 1.94 2.81
C GLU A 86 25.66 2.27 3.62
N MET A 87 24.49 1.80 3.16
CA MET A 87 23.25 2.08 3.87
C MET A 87 22.87 0.99 4.89
N ILE A 88 23.69 -0.03 5.01
CA ILE A 88 23.41 -1.09 5.97
C ILE A 88 23.48 -0.53 7.39
N PRO A 89 22.41 -0.69 8.17
CA PRO A 89 22.39 -0.19 9.55
C PRO A 89 23.54 -0.76 10.38
N ASP A 90 24.07 0.05 11.28
CA ASP A 90 25.18 -0.35 12.13
C ASP A 90 24.84 -1.53 13.04
N TRP A 91 23.59 -1.61 13.46
CA TRP A 91 23.18 -2.71 14.33
C TRP A 91 23.09 -4.01 13.56
N ALA A 92 23.01 -3.91 12.24
CA ALA A 92 22.88 -5.09 11.40
C ALA A 92 24.22 -5.75 11.12
N THR A 93 24.20 -7.07 11.07
CA THR A 93 25.38 -7.85 10.79
C THR A 93 25.12 -8.60 9.48
N VAL A 94 25.72 -8.09 8.40
CA VAL A 94 25.55 -8.67 7.08
C VAL A 94 26.86 -9.24 6.55
N LEU A 95 26.82 -10.53 6.21
CA LEU A 95 27.98 -11.22 5.68
C LEU A 95 27.96 -11.18 4.15
N SER A 96 26.80 -11.47 3.58
CA SER A 96 26.66 -11.44 2.12
C SER A 96 26.46 -10.00 1.67
N THR A 97 27.54 -9.32 1.30
CA THR A 97 27.46 -7.93 0.87
C THR A 97 27.21 -7.77 -0.63
N ASN A 98 27.07 -8.87 -1.36
CA ASN A 98 26.80 -8.80 -2.80
C ASN A 98 25.42 -8.21 -3.06
N VAL A 99 25.34 -7.29 -4.02
CA VAL A 99 24.06 -6.69 -4.36
C VAL A 99 23.37 -7.59 -5.38
N ILE A 100 22.09 -7.86 -5.16
CA ILE A 100 21.32 -8.70 -6.07
C ILE A 100 20.00 -8.04 -6.40
N ARG A 101 19.23 -8.69 -7.26
CA ARG A 101 17.92 -8.21 -7.63
C ARG A 101 16.90 -9.15 -7.00
N LYS A 102 15.86 -8.60 -6.41
CA LYS A 102 14.84 -9.44 -5.81
C LYS A 102 13.48 -8.78 -5.94
N PRO A 103 12.40 -9.57 -5.77
CA PRO A 103 11.08 -8.98 -5.88
C PRO A 103 10.77 -7.98 -4.79
N THR A 104 9.92 -7.02 -5.13
CA THR A 104 9.47 -6.03 -4.19
C THR A 104 8.78 -6.90 -3.14
N PRO A 105 9.18 -6.77 -1.88
CA PRO A 105 8.53 -7.63 -0.86
C PRO A 105 7.10 -7.30 -0.44
N VAL A 106 6.37 -8.34 -0.08
CA VAL A 106 5.02 -8.19 0.42
C VAL A 106 5.08 -8.98 1.71
N VAL A 107 4.75 -8.33 2.81
CA VAL A 107 4.79 -8.96 4.13
C VAL A 107 3.39 -9.02 4.71
N ASP A 108 2.97 -10.20 5.18
CA ASP A 108 1.65 -10.31 5.77
C ASP A 108 1.73 -10.09 7.28
N LEU A 109 0.78 -9.34 7.82
CA LEU A 109 0.72 -9.08 9.25
C LEU A 109 -0.43 -9.94 9.78
N PRO A 110 -0.12 -11.14 10.28
CA PRO A 110 -1.16 -12.04 10.82
C PRO A 110 -1.74 -11.59 12.16
N LEU A 111 -3.01 -11.93 12.39
CA LEU A 111 -3.65 -11.56 13.65
C LEU A 111 -2.91 -12.23 14.81
N GLY A 112 -2.85 -11.54 15.95
CA GLY A 112 -2.19 -12.10 17.11
C GLY A 112 -0.67 -11.94 17.17
N VAL A 113 -0.08 -11.36 16.13
CA VAL A 113 1.37 -11.15 16.11
C VAL A 113 1.80 -10.22 17.25
N SER A 114 2.92 -10.54 17.88
CA SER A 114 3.42 -9.73 18.98
C SER A 114 4.11 -8.47 18.45
N GLU A 115 4.09 -7.42 19.26
CA GLU A 115 4.71 -6.15 18.90
C GLU A 115 6.18 -6.31 18.56
N ASP A 116 6.89 -7.14 19.32
CA ASP A 116 8.30 -7.37 19.07
C ASP A 116 8.53 -8.02 17.70
N ARG A 117 7.61 -8.87 17.25
CA ARG A 117 7.80 -9.51 15.94
C ARG A 117 7.44 -8.53 14.84
N VAL A 118 6.66 -7.51 15.18
CA VAL A 118 6.26 -6.50 14.22
C VAL A 118 7.36 -5.44 14.05
N VAL A 119 7.78 -4.84 15.15
CA VAL A 119 8.79 -3.79 15.09
C VAL A 119 10.23 -4.27 15.26
N GLY A 120 10.40 -5.45 15.83
CA GLY A 120 11.73 -5.98 16.06
C GLY A 120 12.05 -5.68 17.50
N ALA A 121 12.98 -6.41 18.10
CA ALA A 121 13.32 -6.17 19.49
C ALA A 121 14.77 -6.54 19.82
N LEU A 122 15.33 -5.84 20.80
CA LEU A 122 16.69 -6.09 21.21
C LEU A 122 16.74 -7.25 22.18
N ASP A 123 17.63 -8.20 21.91
CA ASP A 123 17.80 -9.35 22.78
C ASP A 123 18.61 -8.86 23.98
N ILE A 124 17.93 -8.19 24.90
CA ILE A 124 18.57 -7.63 26.10
C ILE A 124 19.62 -8.53 26.73
N GLU A 125 19.47 -9.83 26.54
CA GLU A 125 20.43 -10.80 27.09
C GLU A 125 21.76 -10.73 26.36
N ARG A 126 21.71 -10.82 25.04
CA ARG A 126 22.90 -10.79 24.20
C ARG A 126 23.39 -9.35 24.00
N ALA A 127 22.54 -8.39 24.33
CA ALA A 127 22.89 -6.98 24.19
C ALA A 127 23.97 -6.59 25.19
N ILE A 128 23.91 -7.16 26.39
CA ILE A 128 24.91 -6.85 27.39
C ILE A 128 26.21 -7.55 27.03
N SER A 129 26.07 -8.69 26.34
CA SER A 129 27.26 -9.43 25.90
C SER A 129 27.98 -8.41 25.03
N LYS A 130 27.44 -8.19 23.84
CA LYS A 130 27.99 -7.20 22.90
C LYS A 130 26.85 -6.50 22.16
N GLY A 131 26.40 -5.42 22.80
CA GLY A 131 25.33 -4.53 22.36
C GLY A 131 24.55 -4.55 21.05
N GLU A 132 24.32 -3.33 20.56
CA GLU A 132 23.57 -3.01 19.34
C GLU A 132 23.35 -4.13 18.33
N LYS A 133 24.38 -4.94 18.09
CA LYS A 133 24.28 -6.05 17.16
C LYS A 133 23.31 -7.12 17.65
N ALA A 134 22.73 -6.89 18.83
CA ALA A 134 21.79 -7.84 19.42
C ALA A 134 20.34 -7.58 19.01
N PHE A 135 20.12 -6.53 18.23
CA PHE A 135 18.76 -6.20 17.78
C PHE A 135 18.23 -7.26 16.82
N GLU A 136 17.00 -7.74 17.07
CA GLU A 136 16.38 -8.72 16.20
C GLU A 136 15.26 -8.05 15.41
N PRO A 137 15.52 -7.74 14.13
CA PRO A 137 14.54 -7.09 13.25
C PRO A 137 13.24 -7.87 13.11
N GLY A 138 12.16 -7.16 12.84
CA GLY A 138 10.86 -7.79 12.69
C GLY A 138 10.26 -7.56 11.33
N LEU A 139 8.93 -7.62 11.26
CA LEU A 139 8.19 -7.45 10.01
C LEU A 139 8.42 -6.13 9.30
N LEU A 140 8.55 -5.05 10.07
CA LEU A 140 8.79 -3.72 9.52
C LEU A 140 10.08 -3.70 8.70
N ALA A 141 11.06 -4.47 9.15
CA ALA A 141 12.34 -4.55 8.45
C ALA A 141 12.13 -5.21 7.09
N ARG A 142 11.33 -6.28 7.09
CA ARG A 142 11.03 -7.04 5.87
C ARG A 142 10.19 -6.26 4.87
N ALA A 143 9.30 -5.41 5.39
CA ALA A 143 8.41 -4.62 4.55
C ALA A 143 9.07 -3.40 3.89
N ASN A 144 10.26 -3.04 4.35
CA ASN A 144 10.96 -1.89 3.77
C ASN A 144 11.13 -2.05 2.26
N ARG A 145 10.75 -1.02 1.53
CA ARG A 145 10.80 -0.97 0.07
C ARG A 145 9.78 -1.89 -0.57
N GLY A 146 8.72 -2.20 0.17
CA GLY A 146 7.69 -3.07 -0.35
C GLY A 146 6.32 -2.77 0.21
N TYR A 147 5.56 -3.83 0.48
CA TYR A 147 4.21 -3.71 0.98
C TYR A 147 3.96 -4.43 2.29
N LEU A 148 3.07 -3.89 3.11
CA LEU A 148 2.69 -4.52 4.36
C LEU A 148 1.18 -4.75 4.26
N TYR A 149 0.77 -6.01 4.27
CA TYR A 149 -0.64 -6.35 4.17
C TYR A 149 -1.18 -6.91 5.48
N ILE A 150 -2.30 -6.35 5.93
CA ILE A 150 -2.94 -6.77 7.17
C ILE A 150 -4.32 -7.31 6.81
N ASP A 151 -4.50 -8.62 6.92
CA ASP A 151 -5.78 -9.21 6.56
C ASP A 151 -6.95 -8.86 7.47
N GLU A 152 -6.70 -8.72 8.76
CA GLU A 152 -7.78 -8.38 9.67
C GLU A 152 -7.35 -7.20 10.53
N CYS A 153 -7.16 -6.08 9.86
CA CYS A 153 -6.74 -4.83 10.47
C CYS A 153 -7.63 -4.40 11.63
N ASN A 154 -8.94 -4.54 11.45
CA ASN A 154 -9.90 -4.16 12.48
C ASN A 154 -9.89 -5.10 13.68
N LEU A 155 -9.05 -6.12 13.67
CA LEU A 155 -9.00 -7.02 14.81
C LEU A 155 -7.69 -6.77 15.55
N LEU A 156 -6.83 -5.99 14.91
CA LEU A 156 -5.52 -5.64 15.44
C LEU A 156 -5.67 -4.66 16.60
N GLU A 157 -4.72 -4.72 17.53
CA GLU A 157 -4.74 -3.84 18.70
C GLU A 157 -4.43 -2.39 18.31
N ASP A 158 -5.21 -1.46 18.84
CA ASP A 158 -5.05 -0.04 18.56
C ASP A 158 -3.61 0.45 18.50
N HIS A 159 -2.82 0.12 19.53
CA HIS A 159 -1.43 0.56 19.57
C HIS A 159 -0.55 -0.03 18.47
N ILE A 160 -0.92 -1.18 17.92
CA ILE A 160 -0.13 -1.76 16.85
C ILE A 160 -0.47 -1.02 15.55
N VAL A 161 -1.76 -0.84 15.29
CA VAL A 161 -2.21 -0.15 14.09
C VAL A 161 -1.64 1.26 14.08
N ASP A 162 -1.77 1.93 15.22
CA ASP A 162 -1.27 3.29 15.39
C ASP A 162 0.22 3.36 15.02
N LEU A 163 0.97 2.38 15.53
CA LEU A 163 2.40 2.32 15.25
C LEU A 163 2.68 2.09 13.78
N LEU A 164 1.93 1.18 13.16
CA LEU A 164 2.12 0.88 11.74
C LEU A 164 1.78 2.10 10.87
N LEU A 165 0.72 2.81 11.23
CA LEU A 165 0.33 3.99 10.48
C LEU A 165 1.43 5.04 10.56
N ASP A 166 2.01 5.19 11.74
CA ASP A 166 3.09 6.14 11.96
C ASP A 166 4.33 5.84 11.14
N VAL A 167 4.77 4.59 11.15
CA VAL A 167 5.95 4.22 10.38
C VAL A 167 5.68 4.30 8.89
N ALA A 168 4.49 3.86 8.48
CA ALA A 168 4.12 3.92 7.07
C ALA A 168 4.19 5.38 6.59
N GLN A 169 3.88 6.29 7.49
CA GLN A 169 3.89 7.71 7.17
C GLN A 169 5.32 8.26 7.20
N SER A 170 6.05 8.02 8.29
CA SER A 170 7.40 8.54 8.44
C SER A 170 8.44 7.87 7.56
N GLY A 171 8.20 6.61 7.21
CA GLY A 171 9.15 5.90 6.38
C GLY A 171 10.36 5.41 7.15
N GLU A 172 10.27 5.44 8.48
CA GLU A 172 11.38 5.00 9.32
C GLU A 172 10.89 4.32 10.60
N ASN A 173 11.60 3.27 11.02
CA ASN A 173 11.24 2.54 12.23
C ASN A 173 12.26 2.87 13.30
N VAL A 174 11.79 3.41 14.42
CA VAL A 174 12.67 3.77 15.52
C VAL A 174 12.27 2.98 16.76
N VAL A 175 13.19 2.18 17.27
CA VAL A 175 12.93 1.39 18.45
C VAL A 175 13.85 1.91 19.55
N GLU A 176 13.37 2.91 20.28
CA GLU A 176 14.14 3.54 21.35
C GLU A 176 13.81 2.93 22.70
N ARG A 177 13.84 1.60 22.76
CA ARG A 177 13.56 0.91 24.00
C ARG A 177 14.81 0.17 24.43
N ASP A 178 14.82 -0.32 25.66
CA ASP A 178 15.95 -1.09 26.17
C ASP A 178 17.32 -0.39 26.18
N GLY A 179 17.35 0.91 26.43
CA GLY A 179 18.61 1.65 26.49
C GLY A 179 19.36 1.85 25.20
N LEU A 180 18.70 1.59 24.08
CA LEU A 180 19.31 1.79 22.77
C LEU A 180 18.40 2.57 21.84
N SER A 181 19.01 3.22 20.85
CA SER A 181 18.26 3.96 19.85
C SER A 181 18.49 3.25 18.53
N ILE A 182 17.66 2.24 18.27
CA ILE A 182 17.74 1.47 17.03
C ILE A 182 16.82 2.06 15.97
N ARG A 183 17.31 2.18 14.74
CA ARG A 183 16.49 2.70 13.66
C ARG A 183 16.93 2.16 12.30
N HIS A 184 15.98 2.07 11.37
CA HIS A 184 16.25 1.58 10.01
C HIS A 184 15.13 2.05 9.08
N PRO A 185 15.39 2.13 7.77
CA PRO A 185 14.37 2.59 6.82
C PRO A 185 13.22 1.61 6.80
N ALA A 186 11.99 2.13 6.72
CA ALA A 186 10.80 1.30 6.67
C ALA A 186 9.79 2.05 5.83
N ARG A 187 10.06 2.09 4.53
CA ARG A 187 9.21 2.78 3.56
C ARG A 187 8.40 1.73 2.81
N PHE A 188 7.09 1.70 3.06
CA PHE A 188 6.26 0.70 2.43
C PHE A 188 4.84 1.18 2.24
N VAL A 189 4.10 0.51 1.37
CA VAL A 189 2.71 0.85 1.17
C VAL A 189 1.93 -0.04 2.12
N LEU A 190 1.17 0.61 3.01
CA LEU A 190 0.37 -0.10 3.98
C LEU A 190 -1.00 -0.42 3.41
N VAL A 191 -1.36 -1.70 3.41
CA VAL A 191 -2.67 -2.10 2.91
C VAL A 191 -3.37 -2.87 4.03
N GLY A 192 -4.43 -2.29 4.56
CA GLY A 192 -5.16 -2.93 5.64
C GLY A 192 -6.50 -3.45 5.13
N SER A 193 -6.81 -4.69 5.43
CA SER A 193 -8.05 -5.26 4.99
C SER A 193 -9.10 -5.17 6.08
N GLY A 194 -10.29 -4.74 5.67
CA GLY A 194 -11.40 -4.62 6.59
C GLY A 194 -12.31 -5.80 6.36
N ASN A 195 -12.16 -6.80 7.21
CA ASN A 195 -12.96 -8.02 7.16
C ASN A 195 -14.44 -7.62 7.11
N PRO A 196 -15.36 -8.60 6.91
CA PRO A 196 -16.79 -8.27 6.84
C PRO A 196 -17.21 -7.22 7.87
N GLU A 197 -17.42 -7.66 9.11
CA GLU A 197 -17.84 -6.73 10.13
C GLU A 197 -17.57 -7.13 11.57
N GLU A 198 -16.53 -6.57 12.16
CA GLU A 198 -16.26 -6.88 13.55
C GLU A 198 -16.76 -5.71 14.39
N GLY A 199 -16.94 -4.55 13.75
CA GLY A 199 -17.42 -3.41 14.51
C GLY A 199 -17.04 -2.03 14.02
N ASP A 200 -16.83 -1.89 12.71
CA ASP A 200 -16.46 -0.61 12.13
C ASP A 200 -15.65 0.23 13.12
N LEU A 201 -14.60 -0.36 13.67
CA LEU A 201 -13.74 0.28 14.67
C LEU A 201 -13.36 1.75 14.61
N ARG A 202 -12.62 2.13 15.65
CA ARG A 202 -12.09 3.48 15.88
C ARG A 202 -11.96 4.38 14.66
N PRO A 203 -12.83 5.39 14.55
CA PRO A 203 -12.82 6.34 13.45
C PRO A 203 -11.51 7.14 13.47
N GLN A 204 -10.85 7.14 14.62
CA GLN A 204 -9.57 7.85 14.80
C GLN A 204 -8.50 7.28 13.88
N LEU A 205 -8.50 5.96 13.69
CA LEU A 205 -7.52 5.32 12.84
C LEU A 205 -7.91 5.35 11.37
N LEU A 206 -9.20 5.11 11.09
CA LEU A 206 -9.70 5.12 9.73
C LEU A 206 -9.29 6.39 9.02
N ASP A 207 -9.36 7.50 9.73
CA ASP A 207 -9.01 8.80 9.17
C ASP A 207 -7.55 8.91 8.79
N ARG A 208 -6.72 8.04 9.35
CA ARG A 208 -5.29 8.08 9.07
C ARG A 208 -4.93 7.35 7.77
N PHE A 209 -5.88 6.58 7.24
CA PHE A 209 -5.65 5.87 6.00
C PHE A 209 -5.89 6.85 4.86
N GLY A 210 -5.11 6.74 3.79
CA GLY A 210 -5.28 7.64 2.67
C GLY A 210 -6.51 7.32 1.82
N LEU A 211 -6.60 6.08 1.36
CA LEU A 211 -7.72 5.66 0.53
C LEU A 211 -8.45 4.43 1.08
N SER A 212 -9.74 4.31 0.74
CA SER A 212 -10.53 3.17 1.16
C SER A 212 -11.26 2.66 -0.09
N VAL A 213 -11.33 1.34 -0.24
CA VAL A 213 -12.03 0.77 -1.38
C VAL A 213 -12.81 -0.45 -0.95
N GLU A 214 -13.86 -0.74 -1.70
CA GLU A 214 -14.69 -1.88 -1.42
C GLU A 214 -14.43 -2.92 -2.51
N VAL A 215 -14.19 -4.15 -2.09
CA VAL A 215 -13.99 -5.24 -3.03
C VAL A 215 -15.01 -6.30 -2.64
N LEU A 216 -16.13 -6.31 -3.35
CA LEU A 216 -17.23 -7.23 -3.10
C LEU A 216 -17.06 -8.50 -3.92
N SER A 217 -17.37 -9.65 -3.33
CA SER A 217 -17.26 -10.89 -4.09
C SER A 217 -18.43 -10.89 -5.08
N PRO A 218 -18.18 -11.32 -6.33
CA PRO A 218 -19.30 -11.32 -7.27
C PRO A 218 -20.31 -12.38 -6.88
N ARG A 219 -21.59 -12.03 -6.91
CA ARG A 219 -22.64 -12.98 -6.54
C ARG A 219 -23.18 -13.80 -7.70
N ASP A 220 -23.08 -13.29 -8.93
CA ASP A 220 -23.57 -14.04 -10.08
C ASP A 220 -22.60 -15.16 -10.38
N VAL A 221 -23.14 -16.36 -10.57
CA VAL A 221 -22.32 -17.53 -10.84
C VAL A 221 -21.42 -17.39 -12.08
N GLU A 222 -21.87 -16.65 -13.09
CA GLU A 222 -21.06 -16.49 -14.31
C GLU A 222 -19.72 -15.84 -14.02
N THR A 223 -19.71 -14.78 -13.23
CA THR A 223 -18.47 -14.08 -12.89
C THR A 223 -17.60 -14.96 -11.99
N ARG A 224 -18.21 -15.61 -11.00
CA ARG A 224 -17.44 -16.48 -10.10
C ARG A 224 -16.79 -17.59 -10.91
N VAL A 225 -17.54 -18.16 -11.84
CA VAL A 225 -16.99 -19.23 -12.65
C VAL A 225 -15.82 -18.73 -13.50
N GLU A 226 -15.91 -17.51 -14.02
CA GLU A 226 -14.83 -16.98 -14.82
C GLU A 226 -13.60 -16.80 -13.94
N VAL A 227 -13.81 -16.34 -12.71
CA VAL A 227 -12.70 -16.15 -11.79
C VAL A 227 -12.03 -17.50 -11.50
N ILE A 228 -12.84 -18.51 -11.20
CA ILE A 228 -12.32 -19.84 -10.93
C ILE A 228 -11.56 -20.36 -12.15
N ARG A 229 -12.14 -20.18 -13.33
CA ARG A 229 -11.51 -20.66 -14.56
C ARG A 229 -10.13 -20.06 -14.79
N ARG A 230 -9.97 -18.76 -14.55
CA ARG A 230 -8.68 -18.12 -14.77
C ARG A 230 -7.63 -18.62 -13.80
N ARG A 231 -7.97 -18.71 -12.51
CA ARG A 231 -7.02 -19.20 -11.54
C ARG A 231 -6.62 -20.65 -11.88
N ASP A 232 -7.60 -21.49 -12.18
CA ASP A 232 -7.34 -22.88 -12.51
C ASP A 232 -6.42 -22.99 -13.73
N THR A 233 -6.67 -22.17 -14.75
CA THR A 233 -5.83 -22.20 -15.94
C THR A 233 -4.42 -21.74 -15.59
N TYR A 234 -4.30 -20.71 -14.75
CA TYR A 234 -2.98 -20.23 -14.34
C TYR A 234 -2.24 -21.36 -13.62
N ASP A 235 -2.91 -22.04 -12.70
CA ASP A 235 -2.28 -23.14 -11.97
C ASP A 235 -1.85 -24.29 -12.86
N ALA A 236 -2.58 -24.53 -13.94
CA ALA A 236 -2.23 -25.61 -14.86
C ALA A 236 -0.84 -25.40 -15.45
N ASP A 237 -0.48 -24.14 -15.65
CA ASP A 237 0.82 -23.80 -16.21
C ASP A 237 1.03 -22.31 -15.99
N PRO A 238 1.53 -21.93 -14.80
CA PRO A 238 1.79 -20.53 -14.45
C PRO A 238 2.68 -19.82 -15.47
N LYS A 239 3.71 -20.53 -15.93
CA LYS A 239 4.64 -19.96 -16.90
C LYS A 239 3.92 -19.53 -18.17
N ALA A 240 3.09 -20.42 -18.72
CA ALA A 240 2.37 -20.11 -19.94
C ALA A 240 1.31 -19.03 -19.74
N PHE A 241 0.69 -19.02 -18.57
CA PHE A 241 -0.32 -18.02 -18.27
C PHE A 241 0.35 -16.65 -18.23
N LEU A 242 1.48 -16.55 -17.52
CA LEU A 242 2.20 -15.29 -17.44
C LEU A 242 2.64 -14.80 -18.83
N GLU A 243 3.10 -15.73 -19.67
CA GLU A 243 3.53 -15.35 -21.02
C GLU A 243 2.39 -14.66 -21.74
N GLU A 244 1.17 -15.14 -21.53
CA GLU A 244 -0.01 -14.58 -22.16
C GLU A 244 -0.42 -13.22 -21.60
N TRP A 245 -0.33 -13.05 -20.28
CA TRP A 245 -0.75 -11.81 -19.62
C TRP A 245 0.29 -10.74 -19.30
N ARG A 246 1.55 -11.11 -19.21
CA ARG A 246 2.60 -10.16 -18.87
C ARG A 246 2.71 -8.94 -19.80
N PRO A 247 2.36 -9.09 -21.10
CA PRO A 247 2.49 -7.86 -21.90
C PRO A 247 1.55 -6.78 -21.33
N LYS A 248 0.39 -7.20 -20.85
CA LYS A 248 -0.58 -6.29 -20.26
C LYS A 248 -0.07 -5.80 -18.91
N ASP A 249 0.59 -6.68 -18.17
CA ASP A 249 1.16 -6.28 -16.88
C ASP A 249 2.31 -5.29 -17.12
N MET A 250 3.05 -5.48 -18.21
CA MET A 250 4.16 -4.57 -18.50
C MET A 250 3.63 -3.22 -18.93
N ASP A 251 2.46 -3.19 -19.57
CA ASP A 251 1.86 -1.92 -19.96
C ASP A 251 1.50 -1.17 -18.67
N ILE A 252 1.02 -1.92 -17.68
CA ILE A 252 0.66 -1.32 -16.40
C ILE A 252 1.92 -0.81 -15.73
N ARG A 253 2.99 -1.59 -15.80
CA ARG A 253 4.26 -1.15 -15.21
C ARG A 253 4.75 0.12 -15.88
N ASN A 254 4.70 0.17 -17.22
CA ASN A 254 5.17 1.36 -17.91
C ASN A 254 4.32 2.57 -17.56
N GLN A 255 3.03 2.36 -17.34
CA GLN A 255 2.14 3.46 -16.98
C GLN A 255 2.50 4.05 -15.61
N ILE A 256 2.89 3.18 -14.67
CA ILE A 256 3.27 3.63 -13.33
C ILE A 256 4.62 4.35 -13.36
N LEU A 257 5.60 3.74 -14.01
CA LEU A 257 6.93 4.32 -14.09
C LEU A 257 6.88 5.69 -14.77
N GLU A 258 6.14 5.79 -15.87
CA GLU A 258 6.04 7.05 -16.59
C GLU A 258 5.27 8.07 -15.76
N ALA A 259 4.23 7.61 -15.06
CA ALA A 259 3.44 8.49 -14.23
C ALA A 259 4.32 9.09 -13.14
N ARG A 260 5.21 8.27 -12.57
CA ARG A 260 6.12 8.75 -11.54
C ARG A 260 7.01 9.87 -12.11
N GLU A 261 7.48 9.68 -13.34
CA GLU A 261 8.33 10.68 -13.97
C GLU A 261 7.55 11.96 -14.26
N ARG A 262 6.27 11.82 -14.62
CA ARG A 262 5.42 12.98 -14.90
C ARG A 262 4.98 13.71 -13.64
N LEU A 263 4.67 12.93 -12.60
CA LEU A 263 4.17 13.45 -11.33
C LEU A 263 4.58 14.87 -10.91
N PRO A 264 5.88 15.12 -10.74
CA PRO A 264 6.33 16.46 -10.33
C PRO A 264 5.97 17.60 -11.28
N LYS A 265 5.64 17.28 -12.53
CA LYS A 265 5.30 18.30 -13.51
C LYS A 265 3.80 18.45 -13.77
N VAL A 266 2.97 17.61 -13.15
CA VAL A 266 1.54 17.74 -13.35
C VAL A 266 1.08 19.01 -12.64
N GLU A 267 0.31 19.83 -13.34
CA GLU A 267 -0.18 21.09 -12.78
C GLU A 267 -1.39 20.96 -11.88
N ALA A 268 -1.44 21.81 -10.86
CA ALA A 268 -2.55 21.85 -9.92
C ALA A 268 -3.07 23.29 -9.88
N PRO A 269 -3.87 23.69 -10.88
CA PRO A 269 -4.45 25.04 -10.97
C PRO A 269 -5.40 25.35 -9.82
N ASN A 270 -5.58 26.64 -9.55
CA ASN A 270 -6.47 27.08 -8.48
C ASN A 270 -7.85 26.45 -8.60
N THR A 271 -8.38 26.36 -9.81
CA THR A 271 -9.70 25.79 -10.00
C THR A 271 -9.76 24.40 -9.35
N ALA A 272 -8.70 23.62 -9.51
CA ALA A 272 -8.64 22.27 -8.93
C ALA A 272 -8.67 22.36 -7.41
N LEU A 273 -7.89 23.30 -6.86
CA LEU A 273 -7.85 23.49 -5.40
C LEU A 273 -9.21 23.97 -4.93
N TYR A 274 -9.85 24.82 -5.73
CA TYR A 274 -11.17 25.33 -5.37
C TYR A 274 -12.16 24.15 -5.30
N ASP A 275 -12.13 23.27 -6.29
CA ASP A 275 -13.04 22.12 -6.29
C ASP A 275 -12.74 21.21 -5.12
N CYS A 276 -11.46 21.03 -4.85
CA CYS A 276 -11.02 20.20 -3.74
C CYS A 276 -11.59 20.76 -2.43
N ALA A 277 -11.47 22.07 -2.23
CA ALA A 277 -11.97 22.70 -1.02
C ALA A 277 -13.50 22.68 -0.95
N ALA A 278 -14.16 22.97 -2.07
CA ALA A 278 -15.61 22.97 -2.11
C ALA A 278 -16.19 21.61 -1.76
N LEU A 279 -15.64 20.56 -2.38
CA LEU A 279 -16.12 19.20 -2.16
C LEU A 279 -16.01 18.76 -0.70
N CYS A 280 -14.87 19.05 -0.08
CA CYS A 280 -14.65 18.69 1.32
C CYS A 280 -15.51 19.50 2.27
N ILE A 281 -15.73 20.77 1.96
CA ILE A 281 -16.57 21.62 2.81
C ILE A 281 -17.99 21.06 2.76
N ALA A 282 -18.48 20.82 1.54
CA ALA A 282 -19.82 20.29 1.34
C ALA A 282 -20.04 18.99 2.09
N LEU A 283 -18.94 18.27 2.31
CA LEU A 283 -18.99 17.00 3.02
C LEU A 283 -18.71 17.19 4.49
N GLY A 284 -18.68 16.06 5.20
CA GLY A 284 -18.40 16.08 6.62
C GLY A 284 -16.89 16.05 6.80
N SER A 285 -16.19 15.32 5.93
CA SER A 285 -14.73 15.23 5.96
C SER A 285 -14.13 16.53 5.48
N ASP A 286 -14.10 17.45 6.43
CA ASP A 286 -13.62 18.82 6.32
C ASP A 286 -12.44 19.28 5.46
N GLY A 287 -11.24 19.29 6.03
CA GLY A 287 -10.11 19.80 5.26
C GLY A 287 -8.79 19.08 5.09
N LEU A 288 -7.72 19.89 5.13
CA LEU A 288 -6.34 19.47 4.94
C LEU A 288 -6.09 17.99 4.69
N ARG A 289 -6.18 17.16 5.73
CA ARG A 289 -5.97 15.74 5.55
C ARG A 289 -6.85 15.23 4.42
N GLY A 290 -8.14 15.57 4.47
CA GLY A 290 -9.05 15.15 3.43
C GLY A 290 -8.75 15.84 2.11
N GLU A 291 -8.68 17.17 2.13
CA GLU A 291 -8.39 17.97 0.94
C GLU A 291 -7.07 17.59 0.28
N LEU A 292 -6.03 17.40 1.08
CA LEU A 292 -4.72 17.06 0.54
C LEU A 292 -4.69 15.66 -0.08
N THR A 293 -5.31 14.69 0.58
CA THR A 293 -5.35 13.33 0.05
C THR A 293 -6.10 13.37 -1.28
N LEU A 294 -7.21 14.08 -1.30
CA LEU A 294 -8.03 14.22 -2.49
C LEU A 294 -7.18 14.78 -3.62
N LEU A 295 -6.50 15.89 -3.36
CA LEU A 295 -5.64 16.53 -4.37
C LEU A 295 -4.49 15.63 -4.80
N ARG A 296 -3.82 14.97 -3.85
CA ARG A 296 -2.71 14.09 -4.19
C ARG A 296 -3.15 12.89 -5.01
N SER A 297 -4.33 12.36 -4.71
CA SER A 297 -4.86 11.23 -5.45
C SER A 297 -5.23 11.66 -6.87
N ALA A 298 -5.88 12.83 -6.99
CA ALA A 298 -6.28 13.31 -8.30
C ALA A 298 -5.06 13.54 -9.19
N ARG A 299 -4.01 14.13 -8.61
CA ARG A 299 -2.80 14.38 -9.38
C ARG A 299 -2.12 13.08 -9.81
N ALA A 300 -2.12 12.08 -8.92
CA ALA A 300 -1.51 10.80 -9.27
C ALA A 300 -2.30 10.21 -10.44
N LEU A 301 -3.62 10.34 -10.39
CA LEU A 301 -4.47 9.83 -11.46
C LEU A 301 -4.12 10.55 -12.77
N ALA A 302 -4.01 11.87 -12.71
CA ALA A 302 -3.67 12.67 -13.88
C ALA A 302 -2.35 12.19 -14.46
N ALA A 303 -1.36 11.95 -13.59
CA ALA A 303 -0.07 11.46 -14.02
C ALA A 303 -0.25 10.12 -14.73
N LEU A 304 -1.14 9.28 -14.17
CA LEU A 304 -1.41 7.97 -14.75
C LEU A 304 -2.03 8.08 -16.14
N GLU A 305 -2.95 9.03 -16.32
CA GLU A 305 -3.63 9.21 -17.59
C GLU A 305 -2.93 10.20 -18.52
N GLY A 306 -1.70 10.55 -18.17
CA GLY A 306 -0.91 11.46 -18.97
C GLY A 306 -1.45 12.87 -19.08
N ALA A 307 -2.21 13.31 -18.08
CA ALA A 307 -2.79 14.66 -18.09
C ALA A 307 -1.79 15.71 -17.62
N THR A 308 -1.83 16.86 -18.29
CA THR A 308 -0.96 17.99 -17.97
C THR A 308 -1.33 18.63 -16.64
N ALA A 309 -2.62 18.71 -16.36
CA ALA A 309 -3.09 19.31 -15.12
C ALA A 309 -4.27 18.56 -14.52
N VAL A 310 -4.43 18.69 -13.20
CA VAL A 310 -5.53 18.06 -12.49
C VAL A 310 -6.82 18.81 -12.83
N GLY A 311 -7.85 18.05 -13.21
CA GLY A 311 -9.12 18.66 -13.54
C GLY A 311 -10.21 18.13 -12.64
N ARG A 312 -11.42 18.68 -12.77
CA ARG A 312 -12.54 18.26 -11.95
C ARG A 312 -12.86 16.76 -12.04
N ASP A 313 -12.64 16.17 -13.22
CA ASP A 313 -12.92 14.75 -13.39
C ASP A 313 -11.97 13.86 -12.61
N HIS A 314 -10.70 14.24 -12.54
CA HIS A 314 -9.73 13.45 -11.77
C HIS A 314 -10.20 13.45 -10.33
N LEU A 315 -10.65 14.62 -9.88
CA LEU A 315 -11.15 14.77 -8.52
C LEU A 315 -12.37 13.91 -8.24
N LYS A 316 -13.32 13.92 -9.17
CA LYS A 316 -14.53 13.15 -9.01
C LYS A 316 -14.26 11.65 -8.99
N ARG A 317 -13.33 11.21 -9.84
CA ARG A 317 -12.99 9.79 -9.91
C ARG A 317 -12.43 9.25 -8.59
N VAL A 318 -11.58 10.03 -7.93
CA VAL A 318 -10.97 9.56 -6.68
C VAL A 318 -11.65 10.02 -5.38
N ALA A 319 -12.61 10.93 -5.48
CA ALA A 319 -13.29 11.46 -4.30
C ALA A 319 -13.79 10.40 -3.32
N THR A 320 -14.55 9.43 -3.82
CA THR A 320 -15.07 8.39 -2.95
C THR A 320 -13.96 7.62 -2.22
N MET A 321 -12.93 7.18 -2.93
CA MET A 321 -11.83 6.44 -2.30
C MET A 321 -11.06 7.31 -1.31
N ALA A 322 -10.95 8.59 -1.63
CA ALA A 322 -10.19 9.48 -0.76
C ALA A 322 -10.94 10.07 0.43
N LEU A 323 -12.27 10.15 0.33
CA LEU A 323 -13.05 10.78 1.41
C LEU A 323 -14.05 9.92 2.17
N SER A 324 -14.68 8.97 1.48
CA SER A 324 -15.70 8.11 2.08
C SER A 324 -15.46 7.65 3.51
N HIS A 325 -14.31 7.06 3.76
CA HIS A 325 -13.97 6.52 5.07
C HIS A 325 -13.71 7.54 6.18
N ARG A 326 -13.69 8.83 5.86
CA ARG A 326 -13.42 9.82 6.90
C ARG A 326 -14.66 10.50 7.48
N LEU A 327 -15.84 10.13 7.00
CA LEU A 327 -17.07 10.76 7.50
C LEU A 327 -17.43 10.35 8.93
N ARG A 328 -18.50 10.92 9.46
CA ARG A 328 -18.93 10.64 10.83
C ARG A 328 -19.22 9.18 11.17
N VAL A 341 -21.66 10.48 -0.58
CA VAL A 341 -20.41 11.08 -1.01
C VAL A 341 -20.58 11.24 -2.51
N ALA A 342 -21.08 10.19 -3.15
CA ALA A 342 -21.32 10.20 -4.59
C ALA A 342 -22.43 11.21 -4.83
N ARG A 343 -23.37 11.25 -3.91
CA ARG A 343 -24.48 12.18 -4.00
C ARG A 343 -23.92 13.59 -3.90
N THR A 344 -23.07 13.82 -2.90
CA THR A 344 -22.47 15.13 -2.70
C THR A 344 -21.53 15.54 -3.83
N VAL A 345 -20.90 14.55 -4.46
CA VAL A 345 -19.97 14.83 -5.56
C VAL A 345 -20.65 15.41 -6.78
N GLU A 346 -21.65 14.71 -7.31
CA GLU A 346 -22.35 15.20 -8.50
C GLU A 346 -23.03 16.52 -8.19
N GLU A 347 -23.43 16.71 -6.93
CA GLU A 347 -24.09 17.93 -6.50
C GLU A 347 -23.13 19.12 -6.41
N THR A 348 -22.02 18.91 -5.71
CA THR A 348 -21.01 19.95 -5.52
C THR A 348 -20.19 20.20 -6.79
N LEU A 349 -19.75 19.12 -7.41
CA LEU A 349 -18.94 19.23 -8.62
C LEU A 349 -19.68 18.69 -9.84
N PRO A 350 -20.76 19.36 -10.26
CA PRO A 350 -21.51 18.89 -11.44
C PRO A 350 -20.60 18.68 -12.65
#